data_3N8I
#
_entry.id   3N8I
#
_cell.length_a   32.46
_cell.length_b   56.09
_cell.length_c   95.99
_cell.angle_alpha   90.00
_cell.angle_beta   90.00
_cell.angle_gamma   90.00
#
_symmetry.space_group_name_H-M   'P 21 21 21'
#
loop_
_entity.id
_entity.type
_entity.pdbx_description
1 polymer 'Low molecular weight phosphotyrosine protein phosphatase'
2 non-polymer 'NAPHTHALEN-1-YL-ACETIC ACID'
3 water water
#
_entity_poly.entity_id   1
_entity_poly.type   'polypeptide(L)'
_entity_poly.pdbx_seq_one_letter_code
;AEQATKSVLFVCLGNICRSPIAEAVFRKLVTDQNISENWRVDSAATSGYEIGNPPDYRGQSCMKRHGIPMSHVARQITKE
DFATFDYILCMDESNLRDLNRKSNQVKTCKAKIELLGSYDPQKQLIIEDPYYGNDSDFETVYQQCVRCCRAFLEKAH
;
_entity_poly.pdbx_strand_id   A
#
# COMPACT_ATOMS: atom_id res chain seq x y z
N ALA A 4 6.27 14.13 -16.17
CA ALA A 4 6.92 12.84 -15.78
C ALA A 4 5.99 11.97 -14.95
N THR A 5 6.06 10.67 -15.18
CA THR A 5 5.24 9.71 -14.44
C THR A 5 5.71 9.68 -12.97
N LYS A 6 4.74 9.54 -12.08
CA LYS A 6 4.99 9.43 -10.65
C LYS A 6 4.64 8.00 -10.31
N SER A 7 5.22 7.46 -9.25
CA SER A 7 4.96 6.07 -8.92
C SER A 7 4.97 5.80 -7.43
N VAL A 8 4.08 4.90 -7.00
CA VAL A 8 4.00 4.51 -5.60
C VAL A 8 3.69 3.01 -5.49
N LEU A 9 4.40 2.36 -4.57
CA LEU A 9 4.22 0.94 -4.24
C LEU A 9 3.80 0.85 -2.79
N PHE A 10 2.64 0.25 -2.52
CA PHE A 10 2.20 0.01 -1.14
C PHE A 10 2.59 -1.39 -0.71
N VAL A 11 3.08 -1.53 0.51
CA VAL A 11 3.69 -2.79 0.95
C VAL A 11 3.20 -3.24 2.32
N CYS A 12 2.87 -4.52 2.44
CA CYS A 12 2.70 -5.17 3.75
C CYS A 12 3.36 -6.55 3.70
N LEU A 13 3.14 -7.38 4.71
CA LEU A 13 3.88 -8.64 4.78
C LEU A 13 3.47 -9.65 3.70
N GLY A 14 2.17 -9.78 3.46
CA GLY A 14 1.62 -10.79 2.57
C GLY A 14 1.03 -10.28 1.27
N ASN A 15 0.71 -8.98 1.21
CA ASN A 15 0.05 -8.37 0.05
C ASN A 15 -1.32 -8.99 -0.22
N ILE A 16 -2.04 -9.34 0.85
CA ILE A 16 -3.45 -9.74 0.75
C ILE A 16 -4.43 -8.87 1.55
N CYS A 17 -3.98 -8.19 2.62
CA CYS A 17 -4.91 -7.38 3.46
C CYS A 17 -4.76 -5.85 3.27
N ARG A 18 -3.80 -5.24 3.97
CA ARG A 18 -3.65 -3.78 3.96
C ARG A 18 -3.17 -3.20 2.63
N SER A 19 -2.09 -3.76 2.05
CA SER A 19 -1.52 -3.10 0.87
C SER A 19 -2.44 -3.10 -0.38
N PRO A 20 -3.21 -4.19 -0.62
CA PRO A 20 -4.12 -4.09 -1.77
C PRO A 20 -5.23 -3.05 -1.57
N ILE A 21 -5.65 -2.84 -0.33
CA ILE A 21 -6.66 -1.81 -0.04
C ILE A 21 -6.07 -0.43 -0.28
N ALA A 22 -4.85 -0.18 0.25
CA ALA A 22 -4.19 1.11 0.01
C ALA A 22 -4.03 1.41 -1.49
N GLU A 23 -3.58 0.40 -2.23
CA GLU A 23 -3.38 0.53 -3.66
C GLU A 23 -4.69 0.91 -4.37
N ALA A 24 -5.76 0.20 -4.01
CA ALA A 24 -7.08 0.42 -4.63
C ALA A 24 -7.65 1.79 -4.29
N VAL A 25 -7.51 2.19 -3.03
CA VAL A 25 -7.94 3.52 -2.60
C VAL A 25 -7.19 4.60 -3.38
N PHE A 26 -5.87 4.45 -3.46
CA PHE A 26 -5.07 5.46 -4.16
C PHE A 26 -5.40 5.52 -5.65
N ARG A 27 -5.56 4.37 -6.27
CA ARG A 27 -5.90 4.32 -7.70
C ARG A 27 -7.26 5.00 -7.97
N LYS A 28 -8.23 4.77 -7.08
CA LYS A 28 -9.52 5.46 -7.21
C LYS A 28 -9.33 6.97 -7.11
N LEU A 29 -8.54 7.43 -6.15
CA LEU A 29 -8.32 8.88 -6.00
C LEU A 29 -7.72 9.51 -7.25
N VAL A 30 -6.70 8.89 -7.83
CA VAL A 30 -6.09 9.47 -9.03
C VAL A 30 -7.00 9.36 -10.26
N THR A 31 -7.78 8.29 -10.33
CA THR A 31 -8.71 8.10 -11.44
C THR A 31 -9.80 9.16 -11.38
N ASP A 32 -10.31 9.42 -10.17
CA ASP A 32 -11.34 10.46 -9.95
C ASP A 32 -10.87 11.84 -10.38
N GLN A 33 -9.56 12.08 -10.30
CA GLN A 33 -9.00 13.40 -10.65
C GLN A 33 -8.40 13.42 -12.06
N ASN A 34 -8.72 12.42 -12.87
CA ASN A 34 -8.32 12.35 -14.29
C ASN A 34 -6.84 12.16 -14.54
N ILE A 35 -6.12 11.74 -13.51
CA ILE A 35 -4.66 11.66 -13.59
C ILE A 35 -4.09 10.26 -13.37
N SER A 36 -4.92 9.23 -13.54
N SER A 36 -4.92 9.24 -13.58
CA SER A 36 -4.43 7.86 -13.42
CA SER A 36 -4.47 7.83 -13.45
C SER A 36 -3.29 7.58 -14.40
C SER A 36 -3.40 7.44 -14.48
N GLU A 37 -3.35 8.15 -15.60
CA GLU A 37 -2.32 7.92 -16.61
C GLU A 37 -0.95 8.51 -16.21
N ASN A 38 -0.94 9.42 -15.23
CA ASN A 38 0.31 10.02 -14.76
C ASN A 38 0.94 9.27 -13.60
N TRP A 39 0.25 8.23 -13.13
CA TRP A 39 0.71 7.47 -11.96
C TRP A 39 0.87 5.98 -12.27
N ARG A 40 1.97 5.42 -11.78
CA ARG A 40 2.13 3.98 -11.72
C ARG A 40 1.85 3.60 -10.28
N VAL A 41 0.83 2.77 -10.05
CA VAL A 41 0.38 2.41 -8.71
C VAL A 41 0.40 0.89 -8.59
N ASP A 42 0.97 0.37 -7.50
CA ASP A 42 1.03 -1.08 -7.32
C ASP A 42 1.11 -1.41 -5.84
N SER A 43 1.05 -2.69 -5.51
CA SER A 43 1.31 -3.16 -4.15
C SER A 43 2.07 -4.47 -4.21
N ALA A 44 2.80 -4.77 -3.14
CA ALA A 44 3.59 -5.97 -3.08
C ALA A 44 3.86 -6.38 -1.65
N ALA A 45 4.40 -7.59 -1.48
CA ALA A 45 4.65 -8.20 -0.17
C ALA A 45 6.13 -8.20 0.16
N THR A 46 6.46 -8.10 1.45
CA THR A 46 7.87 -8.31 1.83
C THR A 46 8.24 -9.79 1.81
N SER A 47 7.26 -10.66 2.06
N SER A 47 7.25 -10.66 2.04
CA SER A 47 7.50 -12.10 2.12
CA SER A 47 7.48 -12.10 2.15
C SER A 47 6.85 -12.83 0.94
C SER A 47 6.68 -12.88 1.09
N GLY A 48 7.07 -14.14 0.88
CA GLY A 48 6.47 -14.96 -0.18
C GLY A 48 5.33 -15.87 0.19
N TYR A 49 4.75 -15.72 1.39
CA TYR A 49 3.72 -16.65 1.86
C TYR A 49 2.42 -16.70 1.04
N GLU A 50 2.05 -15.59 0.40
CA GLU A 50 0.74 -15.48 -0.23
C GLU A 50 0.81 -15.28 -1.74
N ILE A 51 2.00 -15.48 -2.34
CA ILE A 51 2.17 -15.19 -3.77
C ILE A 51 1.11 -15.91 -4.61
N GLY A 52 0.46 -15.15 -5.49
CA GLY A 52 -0.57 -15.69 -6.38
C GLY A 52 -1.99 -15.56 -5.85
N ASN A 53 -2.13 -15.21 -4.58
CA ASN A 53 -3.46 -15.17 -3.98
C ASN A 53 -4.18 -13.86 -4.21
N PRO A 54 -5.52 -13.94 -4.34
CA PRO A 54 -6.32 -12.72 -4.38
C PRO A 54 -6.36 -12.07 -2.99
N PRO A 55 -6.84 -10.83 -2.91
CA PRO A 55 -6.94 -10.20 -1.61
C PRO A 55 -7.82 -10.98 -0.62
N ASP A 56 -7.54 -10.81 0.67
CA ASP A 56 -8.38 -11.38 1.71
C ASP A 56 -9.84 -11.09 1.40
N TYR A 57 -10.68 -12.12 1.46
CA TYR A 57 -12.09 -11.97 1.12
C TYR A 57 -12.79 -10.91 1.98
N ARG A 58 -12.37 -10.74 3.23
CA ARG A 58 -12.92 -9.69 4.09
C ARG A 58 -12.58 -8.28 3.58
N GLY A 59 -11.36 -8.11 3.07
CA GLY A 59 -10.98 -6.83 2.47
C GLY A 59 -11.73 -6.53 1.19
N GLN A 60 -11.90 -7.56 0.35
CA GLN A 60 -12.68 -7.43 -0.88
C GLN A 60 -14.13 -7.02 -0.56
N SER A 61 -14.69 -7.61 0.48
N SER A 61 -14.68 -7.60 0.51
CA SER A 61 -16.05 -7.28 0.90
CA SER A 61 -16.06 -7.31 0.96
C SER A 61 -16.13 -5.80 1.30
C SER A 61 -16.23 -5.92 1.54
N CYS A 62 -15.15 -5.37 2.09
CA CYS A 62 -15.09 -3.97 2.54
C CYS A 62 -15.03 -3.02 1.35
N MET A 63 -14.14 -3.31 0.40
CA MET A 63 -13.99 -2.47 -0.79
C MET A 63 -15.26 -2.38 -1.63
N LYS A 64 -15.95 -3.52 -1.79
N LYS A 64 -15.98 -3.50 -1.76
CA LYS A 64 -17.23 -3.57 -2.50
CA LYS A 64 -17.23 -3.57 -2.52
C LYS A 64 -18.21 -2.60 -1.86
C LYS A 64 -18.39 -2.84 -1.84
N ARG A 65 -18.30 -2.66 -0.53
CA ARG A 65 -19.24 -1.81 0.22
C ARG A 65 -19.00 -0.34 -0.10
N HIS A 66 -17.74 0.02 -0.30
CA HIS A 66 -17.34 1.41 -0.48
C HIS A 66 -17.19 1.88 -1.93
N GLY A 67 -17.51 0.99 -2.88
CA GLY A 67 -17.38 1.33 -4.30
C GLY A 67 -15.97 1.63 -4.78
N ILE A 68 -14.98 1.01 -4.14
CA ILE A 68 -13.57 1.16 -4.53
C ILE A 68 -13.21 -0.03 -5.40
N PRO A 69 -12.88 0.23 -6.69
CA PRO A 69 -12.41 -0.85 -7.57
C PRO A 69 -11.14 -1.48 -7.02
N MET A 70 -11.14 -2.80 -6.87
N MET A 70 -11.07 -2.81 -7.00
CA MET A 70 -9.94 -3.54 -6.41
CA MET A 70 -9.90 -3.49 -6.45
C MET A 70 -9.85 -4.86 -7.18
C MET A 70 -9.71 -4.92 -6.96
N SER A 71 -8.69 -5.11 -7.81
CA SER A 71 -8.42 -6.37 -8.50
C SER A 71 -6.91 -6.63 -8.47
N HIS A 72 -6.46 -7.67 -7.76
CA HIS A 72 -5.02 -7.83 -7.49
C HIS A 72 -4.62 -9.28 -7.30
N VAL A 73 -3.39 -9.59 -7.70
CA VAL A 73 -2.74 -10.88 -7.47
C VAL A 73 -1.53 -10.62 -6.59
N ALA A 74 -1.45 -11.28 -5.44
CA ALA A 74 -0.34 -11.00 -4.53
C ALA A 74 1.01 -11.33 -5.17
N ARG A 75 1.97 -10.42 -4.97
CA ARG A 75 3.32 -10.62 -5.48
C ARG A 75 4.32 -10.13 -4.46
N GLN A 76 5.52 -10.69 -4.52
CA GLN A 76 6.59 -10.26 -3.63
C GLN A 76 7.33 -9.07 -4.25
N ILE A 77 7.73 -8.14 -3.39
CA ILE A 77 8.61 -7.05 -3.81
C ILE A 77 9.88 -7.62 -4.45
N THR A 78 10.43 -6.86 -5.40
CA THR A 78 11.66 -7.26 -6.10
C THR A 78 12.74 -6.21 -5.93
N LYS A 79 13.97 -6.55 -6.28
CA LYS A 79 15.07 -5.59 -6.22
C LYS A 79 14.80 -4.42 -7.17
N GLU A 80 14.15 -4.73 -8.30
CA GLU A 80 13.83 -3.72 -9.31
C GLU A 80 12.89 -2.65 -8.76
N ASP A 81 12.00 -3.05 -7.87
CA ASP A 81 11.03 -2.10 -7.30
C ASP A 81 11.72 -0.92 -6.59
N PHE A 82 12.86 -1.18 -5.98
CA PHE A 82 13.63 -0.12 -5.29
C PHE A 82 14.24 0.89 -6.27
N ALA A 83 14.53 0.43 -7.49
CA ALA A 83 15.07 1.31 -8.51
C ALA A 83 14.00 2.10 -9.24
N THR A 84 12.80 1.55 -9.33
CA THR A 84 11.80 2.10 -10.23
C THR A 84 10.71 2.94 -9.57
N PHE A 85 10.40 2.67 -8.32
CA PHE A 85 9.34 3.43 -7.62
C PHE A 85 9.85 4.68 -6.94
N ASP A 86 9.06 5.75 -6.98
CA ASP A 86 9.44 6.97 -6.26
C ASP A 86 9.21 6.85 -4.76
N TYR A 87 8.13 6.17 -4.39
CA TYR A 87 7.77 5.98 -2.98
C TYR A 87 7.39 4.55 -2.77
N ILE A 88 7.84 4.01 -1.64
CA ILE A 88 7.38 2.73 -1.14
C ILE A 88 6.77 3.02 0.23
N LEU A 89 5.47 2.82 0.33
CA LEU A 89 4.74 3.19 1.54
C LEU A 89 4.24 1.94 2.22
N CYS A 90 4.67 1.73 3.46
CA CYS A 90 4.32 0.49 4.15
C CYS A 90 3.43 0.73 5.36
N MET A 91 3.03 -0.34 6.03
CA MET A 91 1.94 -0.26 7.02
C MET A 91 2.39 -0.17 8.46
N ASP A 92 3.42 -0.91 8.83
CA ASP A 92 3.80 -0.97 10.24
C ASP A 92 5.31 -1.03 10.43
N GLU A 93 5.77 -1.02 11.68
CA GLU A 93 7.20 -1.00 11.98
C GLU A 93 7.95 -2.23 11.47
N SER A 94 7.31 -3.40 11.55
N SER A 94 7.31 -3.40 11.53
N SER A 94 7.31 -3.40 11.55
CA SER A 94 7.91 -4.63 11.04
CA SER A 94 7.94 -4.62 11.05
CA SER A 94 7.91 -4.63 11.04
C SER A 94 8.22 -4.49 9.55
C SER A 94 8.17 -4.58 9.53
C SER A 94 8.21 -4.50 9.55
N ASN A 95 7.25 -3.97 8.80
CA ASN A 95 7.41 -3.75 7.35
C ASN A 95 8.57 -2.80 7.09
N LEU A 96 8.64 -1.73 7.88
CA LEU A 96 9.65 -0.72 7.67
C LEU A 96 11.04 -1.28 7.91
N ARG A 97 11.18 -2.08 8.97
CA ARG A 97 12.48 -2.70 9.28
C ARG A 97 12.92 -3.63 8.16
N ASP A 98 11.97 -4.40 7.62
CA ASP A 98 12.24 -5.38 6.54
C ASP A 98 12.62 -4.64 5.25
N LEU A 99 11.85 -3.63 4.90
CA LEU A 99 12.12 -2.84 3.70
C LEU A 99 13.46 -2.12 3.77
N ASN A 100 13.79 -1.58 4.94
CA ASN A 100 15.08 -0.93 5.07
C ASN A 100 16.20 -1.96 4.91
N ARG A 101 16.02 -3.18 5.45
CA ARG A 101 17.00 -4.25 5.23
C ARG A 101 17.19 -4.52 3.75
N LYS A 102 16.08 -4.69 3.04
CA LYS A 102 16.12 -4.98 1.61
C LYS A 102 16.78 -3.84 0.83
N SER A 103 16.47 -2.60 1.18
CA SER A 103 16.98 -1.43 0.48
C SER A 103 18.51 -1.34 0.52
N ASN A 104 19.11 -1.90 1.57
CA ASN A 104 20.56 -1.86 1.71
C ASN A 104 21.28 -3.00 1.00
N GLN A 105 20.50 -3.81 0.29
N GLN A 105 20.52 -3.83 0.30
CA GLN A 105 21.02 -4.93 -0.49
CA GLN A 105 21.13 -4.90 -0.50
C GLN A 105 20.90 -4.71 -2.00
C GLN A 105 21.27 -4.52 -1.96
N VAL A 106 20.53 -3.50 -2.39
CA VAL A 106 20.49 -3.11 -3.80
C VAL A 106 21.42 -1.94 -4.05
N LYS A 107 21.88 -1.79 -5.30
CA LYS A 107 22.78 -0.68 -5.64
C LYS A 107 22.04 0.64 -5.83
N THR A 108 20.86 0.57 -6.43
CA THR A 108 20.10 1.77 -6.73
C THR A 108 18.79 1.77 -5.97
N CYS A 109 18.70 2.64 -4.97
CA CYS A 109 17.44 2.80 -4.25
C CYS A 109 16.93 4.20 -4.49
N LYS A 110 16.13 4.34 -5.55
CA LYS A 110 15.46 5.60 -5.86
C LYS A 110 14.36 5.86 -4.84
N ALA A 111 13.68 4.79 -4.44
CA ALA A 111 12.49 4.92 -3.61
C ALA A 111 12.74 5.52 -2.25
N LYS A 112 11.84 6.42 -1.86
N LYS A 112 11.85 6.42 -1.86
CA LYS A 112 11.73 6.88 -0.49
CA LYS A 112 11.75 6.88 -0.48
C LYS A 112 10.83 5.89 0.23
C LYS A 112 10.83 5.92 0.25
N ILE A 113 11.31 5.33 1.34
CA ILE A 113 10.58 4.30 2.08
C ILE A 113 10.01 4.88 3.37
N GLU A 114 8.68 4.85 3.51
CA GLU A 114 8.00 5.56 4.62
C GLU A 114 6.80 4.77 5.09
N LEU A 115 6.33 5.04 6.30
CA LEU A 115 5.03 4.55 6.76
C LEU A 115 3.93 5.35 6.09
N LEU A 116 2.95 4.66 5.52
CA LEU A 116 1.78 5.34 4.96
C LEU A 116 1.11 6.22 6.01
N GLY A 117 1.08 5.73 7.24
CA GLY A 117 0.40 6.46 8.33
C GLY A 117 1.07 7.75 8.74
N SER A 118 2.31 7.97 8.29
CA SER A 118 3.02 9.23 8.53
C SER A 118 2.36 10.37 7.78
N TYR A 119 1.44 10.04 6.86
CA TYR A 119 0.68 11.04 6.11
C TYR A 119 -0.69 11.36 6.71
N ASP A 120 -1.11 10.63 7.74
CA ASP A 120 -2.44 10.81 8.33
C ASP A 120 -2.60 12.17 9.03
N PRO A 121 -3.54 13.03 8.55
CA PRO A 121 -3.82 14.29 9.26
C PRO A 121 -4.38 14.07 10.66
N GLN A 122 -4.97 12.89 10.90
CA GLN A 122 -5.51 12.50 12.21
C GLN A 122 -4.46 11.79 13.07
N LYS A 123 -3.25 11.68 12.52
CA LYS A 123 -2.03 11.29 13.24
C LYS A 123 -1.98 9.84 13.77
N GLN A 124 -2.62 8.91 13.07
CA GLN A 124 -2.59 7.49 13.43
C GLN A 124 -1.47 6.82 12.62
N LEU A 125 -0.30 6.70 13.25
CA LEU A 125 0.94 6.36 12.55
C LEU A 125 0.92 4.96 11.95
N ILE A 126 0.37 4.01 12.70
CA ILE A 126 0.40 2.60 12.30
C ILE A 126 -0.95 2.19 11.75
N ILE A 127 -0.92 1.54 10.59
CA ILE A 127 -2.11 0.92 10.06
C ILE A 127 -2.03 -0.55 10.50
N GLU A 128 -2.79 -0.87 11.55
CA GLU A 128 -2.66 -2.16 12.22
C GLU A 128 -3.16 -3.30 11.35
N ASP A 129 -2.48 -4.43 11.47
CA ASP A 129 -2.79 -5.64 10.72
C ASP A 129 -4.19 -6.17 11.11
N PRO A 130 -5.12 -6.26 10.13
CA PRO A 130 -6.46 -6.76 10.44
C PRO A 130 -6.61 -8.27 10.28
N TYR A 131 -5.51 -8.98 9.99
CA TYR A 131 -5.61 -10.41 9.70
C TYR A 131 -6.39 -11.20 10.77
N TYR A 132 -6.09 -10.91 12.04
CA TYR A 132 -6.72 -11.61 13.17
C TYR A 132 -7.90 -10.82 13.74
N GLY A 133 -8.32 -9.81 12.99
CA GLY A 133 -9.45 -8.98 13.41
C GLY A 133 -10.75 -9.38 12.75
N ASN A 134 -11.69 -8.43 12.74
CA ASN A 134 -12.99 -8.70 12.15
C ASN A 134 -13.29 -7.65 11.10
N ASP A 135 -14.52 -7.66 10.59
CA ASP A 135 -14.92 -6.72 9.56
C ASP A 135 -14.71 -5.25 9.95
N SER A 136 -14.93 -4.92 11.24
CA SER A 136 -14.74 -3.55 11.72
C SER A 136 -13.27 -3.09 11.62
N ASP A 137 -12.35 -4.04 11.75
CA ASP A 137 -10.92 -3.73 11.62
C ASP A 137 -10.55 -3.44 10.18
N PHE A 138 -11.18 -4.14 9.25
CA PHE A 138 -11.00 -3.84 7.84
C PHE A 138 -11.54 -2.46 7.51
N GLU A 139 -12.68 -2.11 8.11
CA GLU A 139 -13.25 -0.77 7.94
C GLU A 139 -12.31 0.31 8.46
N THR A 140 -11.70 0.08 9.61
CA THR A 140 -10.72 1.02 10.15
C THR A 140 -9.54 1.21 9.18
N VAL A 141 -9.04 0.10 8.65
CA VAL A 141 -7.95 0.12 7.66
C VAL A 141 -8.35 0.95 6.44
N TYR A 142 -9.52 0.68 5.88
CA TYR A 142 -10.03 1.45 4.76
C TYR A 142 -10.05 2.95 5.07
N GLN A 143 -10.64 3.32 6.21
CA GLN A 143 -10.75 4.73 6.55
C GLN A 143 -9.40 5.41 6.71
N GLN A 144 -8.44 4.70 7.30
CA GLN A 144 -7.08 5.23 7.44
C GLN A 144 -6.42 5.41 6.08
N CYS A 145 -6.60 4.43 5.22
CA CYS A 145 -6.02 4.50 3.87
C CYS A 145 -6.55 5.71 3.11
N VAL A 146 -7.85 5.96 3.20
CA VAL A 146 -8.41 7.14 2.55
C VAL A 146 -7.72 8.42 3.02
N ARG A 147 -7.63 8.60 4.34
CA ARG A 147 -7.00 9.81 4.92
C ARG A 147 -5.55 9.96 4.49
N CYS A 148 -4.79 8.87 4.56
CA CYS A 148 -3.38 8.91 4.27
C CYS A 148 -3.11 9.07 2.77
N CYS A 149 -3.86 8.35 1.95
CA CYS A 149 -3.69 8.43 0.50
C CYS A 149 -4.04 9.81 -0.05
N ARG A 150 -5.12 10.41 0.46
N ARG A 150 -5.11 10.41 0.48
CA ARG A 150 -5.49 11.78 0.09
CA ARG A 150 -5.50 11.76 0.09
C ARG A 150 -4.36 12.76 0.40
C ARG A 150 -4.40 12.78 0.42
N ALA A 151 -3.80 12.64 1.61
CA ALA A 151 -2.73 13.55 2.07
C ALA A 151 -1.46 13.34 1.26
N PHE A 152 -1.12 12.08 0.99
CA PHE A 152 0.05 11.79 0.17
C PHE A 152 -0.09 12.35 -1.25
N LEU A 153 -1.27 12.18 -1.85
CA LEU A 153 -1.53 12.73 -3.18
C LEU A 153 -1.39 14.25 -3.16
N GLU A 154 -1.88 14.89 -2.10
CA GLU A 154 -1.80 16.34 -1.96
C GLU A 154 -0.36 16.85 -1.93
N LYS A 155 0.47 16.24 -1.08
CA LYS A 155 1.84 16.70 -0.86
C LYS A 155 2.68 15.58 -0.26
N ALA A 156 3.63 15.09 -1.05
CA ALA A 156 4.52 14.02 -0.60
C ALA A 156 5.68 14.57 0.22
N HIS A 157 6.20 13.77 1.15
CA HIS A 157 7.33 14.19 1.99
C HIS A 157 8.63 14.23 1.18
#